data_6QE5
#
_entry.id   6QE5
#
_cell.length_a   46.218
_cell.length_b   46.224
_cell.length_c   71.361
_cell.angle_alpha   79.58
_cell.angle_beta   77.59
_cell.angle_gamma   70.35
#
_symmetry.space_group_name_H-M   'P 1'
#
loop_
_entity.id
_entity.type
_entity.pdbx_description
1 polymer 'Ribosomal RNA large subunit methyltransferase J'
2 non-polymer S-ADENOSYL-L-HOMOCYSTEINE
3 water water
#
_entity_poly.entity_id   1
_entity_poly.type   'polypeptide(L)'
_entity_poly.pdbx_seq_one_letter_code
;MGSSHHHHHHSSGLVPRGSHMLSYRHSFHAGNHADVLKHTVQSLIIESLKEKDKPFLYLDTHAGAGRYQLGSEHAERTGK
YLEGIARIWQQDDLPAELEAYINVVKHFNRSGQLRYYPGSPLIARQLLREQDSLQLTELHPSDYPLLRSEFQKDSRARVE
KADGFQQLKAKLPPVSRRGLILIDPPYEMKTDYQAVVSGIAEGYKRFATGTYALWYPVVLRQQIKRMIHDLEATGIRKIL
QIELAVLPDSDRRGMTASGMIVINPPWKLEQQMNNVLPWLHSKLVPAGTGHATVSWIVPE
;
_entity_poly.pdbx_strand_id   A,B
#
# COMPACT_ATOMS: atom_id res chain seq x y z
N MET A 21 17.88 0.59 7.22
CA MET A 21 17.11 -0.64 7.14
C MET A 21 17.76 -1.76 7.95
N LEU A 22 17.24 -2.98 7.74
CA LEU A 22 17.79 -4.20 8.36
C LEU A 22 17.82 -4.11 9.87
N SER A 23 16.79 -3.52 10.46
CA SER A 23 16.64 -3.53 11.92
C SER A 23 15.79 -4.70 12.40
N TYR A 24 14.98 -5.28 11.52
CA TYR A 24 14.21 -6.47 11.86
C TYR A 24 15.15 -7.60 12.28
N ARG A 25 14.76 -8.35 13.31
CA ARG A 25 15.43 -9.60 13.66
C ARG A 25 14.36 -10.66 13.83
N HIS A 26 14.46 -11.76 13.07
CA HIS A 26 13.44 -12.79 13.18
C HIS A 26 13.43 -13.46 14.54
N SER A 27 14.52 -13.38 15.30
CA SER A 27 14.55 -14.02 16.62
C SER A 27 13.43 -13.53 17.54
N PHE A 28 12.91 -12.32 17.31
CA PHE A 28 11.82 -11.80 18.12
C PHE A 28 10.49 -12.49 17.82
N HIS A 29 10.34 -13.09 16.64
CA HIS A 29 9.06 -13.62 16.19
C HIS A 29 9.08 -15.11 15.94
N ALA A 30 10.24 -15.75 16.04
CA ALA A 30 10.41 -17.12 15.59
C ALA A 30 9.46 -18.06 16.34
N GLY A 31 8.81 -18.94 15.58
CA GLY A 31 7.92 -19.91 16.17
C GLY A 31 6.53 -19.39 16.47
N ASN A 32 6.23 -18.14 16.13
CA ASN A 32 4.88 -17.62 16.34
C ASN A 32 3.89 -18.28 15.36
N HIS A 33 2.63 -17.85 15.43
CA HIS A 33 1.60 -18.49 14.60
C HIS A 33 1.90 -18.37 13.12
N ALA A 34 2.48 -17.25 12.70
CA ALA A 34 2.85 -17.07 11.30
C ALA A 34 3.88 -18.11 10.85
N ASP A 35 4.93 -18.34 11.67
CA ASP A 35 5.92 -19.38 11.36
C ASP A 35 5.29 -20.75 11.33
N VAL A 36 4.32 -21.01 12.23
CA VAL A 36 3.67 -22.32 12.22
C VAL A 36 2.97 -22.57 10.90
N LEU A 37 2.19 -21.59 10.41
CA LEU A 37 1.49 -21.77 9.14
C LEU A 37 2.49 -21.86 7.99
N LYS A 38 3.48 -20.97 8.01
CA LYS A 38 4.47 -20.89 6.94
C LYS A 38 5.24 -22.21 6.82
N HIS A 39 5.72 -22.73 7.94
CA HIS A 39 6.54 -23.93 7.91
C HIS A 39 5.70 -25.20 7.73
N THR A 40 4.43 -25.19 8.17
CA THR A 40 3.52 -26.27 7.78
C THR A 40 3.45 -26.38 6.27
N VAL A 41 3.14 -25.26 5.60
CA VAL A 41 3.00 -25.25 4.14
C VAL A 41 4.32 -25.61 3.47
N GLN A 42 5.43 -25.02 3.92
CA GLN A 42 6.73 -25.34 3.36
C GLN A 42 7.01 -26.84 3.44
N SER A 43 6.76 -27.44 4.60
N SER A 43 6.78 -27.43 4.62
CA SER A 43 7.09 -28.86 4.77
CA SER A 43 7.06 -28.86 4.79
C SER A 43 6.21 -29.73 3.88
C SER A 43 6.22 -29.72 3.87
N LEU A 44 4.92 -29.40 3.75
CA LEU A 44 4.04 -30.19 2.89
C LEU A 44 4.46 -30.10 1.42
N ILE A 45 4.91 -28.92 0.97
CA ILE A 45 5.36 -28.82 -0.41
C ILE A 45 6.62 -29.65 -0.63
N ILE A 46 7.56 -29.61 0.32
CA ILE A 46 8.79 -30.39 0.22
C ILE A 46 8.47 -31.88 0.19
N GLU A 47 7.57 -32.33 1.07
CA GLU A 47 7.27 -33.76 1.06
C GLU A 47 6.65 -34.18 -0.27
N SER A 48 5.86 -33.31 -0.89
N SER A 48 5.86 -33.30 -0.90
CA SER A 48 5.30 -33.63 -2.20
CA SER A 48 5.30 -33.63 -2.20
C SER A 48 6.39 -33.72 -3.25
C SER A 48 6.38 -33.71 -3.26
N LEU A 49 7.32 -32.75 -3.27
CA LEU A 49 8.43 -32.79 -4.22
C LEU A 49 9.27 -34.05 -4.04
N LYS A 50 9.41 -34.54 -2.80
CA LYS A 50 10.19 -35.75 -2.57
C LYS A 50 9.52 -37.02 -3.08
N GLU A 51 8.27 -36.95 -3.55
CA GLU A 51 7.62 -38.15 -4.05
C GLU A 51 8.27 -38.68 -5.33
N LYS A 52 9.06 -37.85 -6.02
CA LYS A 52 9.80 -38.28 -7.19
C LYS A 52 11.29 -38.25 -6.87
N ASP A 53 12.02 -39.29 -7.33
CA ASP A 53 13.43 -39.42 -6.96
C ASP A 53 14.30 -38.31 -7.52
N LYS A 54 13.85 -37.63 -8.56
CA LYS A 54 14.69 -36.64 -9.23
C LYS A 54 14.99 -35.50 -8.26
N PRO A 55 16.21 -34.95 -8.27
CA PRO A 55 16.55 -33.89 -7.31
C PRO A 55 15.73 -32.63 -7.54
N PHE A 56 15.67 -31.81 -6.51
CA PHE A 56 15.07 -30.49 -6.65
C PHE A 56 15.85 -29.47 -5.83
N LEU A 57 15.57 -28.20 -6.13
CA LEU A 57 16.15 -27.06 -5.44
C LEU A 57 15.18 -26.49 -4.42
N TYR A 58 15.70 -26.17 -3.24
CA TYR A 58 15.02 -25.32 -2.28
C TYR A 58 15.71 -23.96 -2.27
N LEU A 59 14.98 -22.90 -2.63
CA LEU A 59 15.52 -21.55 -2.74
C LEU A 59 14.80 -20.67 -1.72
N ASP A 60 15.56 -20.04 -0.81
CA ASP A 60 15.05 -19.27 0.32
C ASP A 60 15.62 -17.87 0.18
N THR A 61 14.82 -16.92 -0.31
CA THR A 61 15.34 -15.59 -0.63
C THR A 61 15.68 -14.79 0.61
N HIS A 62 14.91 -14.96 1.69
CA HIS A 62 15.03 -14.21 2.95
C HIS A 62 15.12 -15.26 4.03
N ALA A 63 16.32 -15.81 4.23
CA ALA A 63 16.47 -17.07 4.95
C ALA A 63 16.57 -16.93 6.47
N GLY A 64 16.95 -15.77 7.00
CA GLY A 64 17.08 -15.64 8.45
C GLY A 64 18.35 -16.26 8.98
N ALA A 65 18.38 -16.44 10.31
CA ALA A 65 19.58 -16.95 10.97
C ALA A 65 19.68 -18.47 10.94
N GLY A 66 18.59 -19.18 10.65
CA GLY A 66 18.63 -20.62 10.62
C GLY A 66 17.94 -21.26 11.81
N ARG A 67 18.41 -21.00 13.02
CA ARG A 67 17.78 -21.50 14.23
C ARG A 67 17.67 -20.35 15.23
N TYR A 68 16.72 -20.47 16.15
CA TYR A 68 16.41 -19.40 17.10
C TYR A 68 16.33 -19.97 18.50
N GLN A 69 17.02 -19.34 19.43
CA GLN A 69 16.91 -19.69 20.83
C GLN A 69 15.65 -19.04 21.39
N LEU A 70 14.72 -19.87 21.87
CA LEU A 70 13.43 -19.38 22.33
C LEU A 70 13.48 -18.93 23.79
N GLY A 71 14.17 -19.70 24.64
CA GLY A 71 14.32 -19.35 26.05
C GLY A 71 15.29 -20.26 26.77
N GLY A 79 7.62 -13.27 23.75
CA GLY A 79 7.59 -14.71 23.54
C GLY A 79 6.38 -15.17 22.75
N LYS A 80 6.28 -14.71 21.50
CA LYS A 80 5.14 -15.09 20.67
C LYS A 80 5.13 -16.57 20.32
N TYR A 81 6.26 -17.27 20.42
CA TYR A 81 6.26 -18.72 20.19
C TYR A 81 5.34 -19.45 21.16
N LEU A 82 5.07 -18.87 22.32
CA LEU A 82 4.18 -19.49 23.29
C LEU A 82 2.77 -19.60 22.75
N GLU A 83 2.40 -18.70 21.82
CA GLU A 83 1.08 -18.77 21.19
C GLU A 83 1.14 -19.41 19.82
N GLY A 84 2.31 -19.91 19.43
CA GLY A 84 2.47 -20.63 18.18
C GLY A 84 2.92 -22.07 18.36
N ILE A 85 4.19 -22.34 18.08
CA ILE A 85 4.68 -23.72 18.05
C ILE A 85 4.43 -24.43 19.39
N ALA A 86 4.52 -23.70 20.50
CA ALA A 86 4.33 -24.33 21.80
C ALA A 86 2.95 -24.98 21.92
N ARG A 87 1.95 -24.46 21.20
CA ARG A 87 0.60 -24.97 21.32
C ARG A 87 0.34 -26.20 20.46
N ILE A 88 1.28 -26.65 19.62
CA ILE A 88 0.98 -27.83 18.80
C ILE A 88 2.01 -28.94 18.91
N TRP A 89 3.27 -28.61 19.23
CA TRP A 89 4.33 -29.58 18.97
C TRP A 89 4.27 -30.83 19.85
N GLN A 90 3.55 -30.80 20.98
CA GLN A 90 3.48 -31.96 21.85
C GLN A 90 2.06 -32.51 21.97
N GLN A 91 1.19 -32.17 21.03
CA GLN A 91 -0.18 -32.68 21.06
C GLN A 91 -0.23 -34.15 20.65
N ASP A 92 -0.98 -34.96 21.42
CA ASP A 92 -1.04 -36.40 21.17
C ASP A 92 -1.78 -36.75 19.88
N ASP A 93 -2.65 -35.88 19.39
CA ASP A 93 -3.48 -36.14 18.23
C ASP A 93 -3.04 -35.32 17.03
N LEU A 94 -1.73 -35.16 16.88
CA LEU A 94 -1.17 -34.36 15.80
C LEU A 94 -1.62 -34.90 14.44
N PRO A 95 -2.23 -34.08 13.59
CA PRO A 95 -2.62 -34.57 12.26
C PRO A 95 -1.42 -35.03 11.46
N ALA A 96 -1.67 -36.03 10.59
CA ALA A 96 -0.61 -36.54 9.72
C ALA A 96 0.04 -35.43 8.90
N GLU A 97 -0.72 -34.40 8.52
CA GLU A 97 -0.20 -33.31 7.71
C GLU A 97 0.86 -32.48 8.43
N LEU A 98 1.04 -32.67 9.75
CA LEU A 98 2.02 -31.92 10.51
C LEU A 98 3.22 -32.75 10.95
N GLU A 99 3.24 -34.05 10.61
CA GLU A 99 4.25 -34.93 11.20
C GLU A 99 5.66 -34.60 10.74
N ALA A 100 5.85 -34.36 9.45
CA ALA A 100 7.19 -34.06 8.95
C ALA A 100 7.74 -32.80 9.61
N TYR A 101 6.91 -31.76 9.68
CA TYR A 101 7.32 -30.50 10.29
C TYR A 101 7.63 -30.68 11.78
N ILE A 102 6.68 -31.24 12.52
CA ILE A 102 6.88 -31.35 13.97
C ILE A 102 8.04 -32.28 14.30
N ASN A 103 8.31 -33.28 13.45
CA ASN A 103 9.46 -34.14 13.72
C ASN A 103 10.78 -33.38 13.59
N VAL A 104 10.87 -32.40 12.70
CA VAL A 104 12.05 -31.55 12.67
C VAL A 104 12.16 -30.72 13.95
N VAL A 105 11.03 -30.18 14.44
CA VAL A 105 11.07 -29.40 15.67
C VAL A 105 11.51 -30.28 16.84
N LYS A 106 11.03 -31.52 16.87
CA LYS A 106 11.44 -32.46 17.91
C LYS A 106 12.92 -32.83 17.78
N HIS A 107 13.42 -32.91 16.54
CA HIS A 107 14.83 -33.23 16.32
C HIS A 107 15.76 -32.24 17.00
N PHE A 108 15.37 -30.97 17.05
CA PHE A 108 16.17 -29.93 17.70
C PHE A 108 15.80 -29.75 19.16
N ASN A 109 14.92 -30.58 19.70
CA ASN A 109 14.47 -30.47 21.10
C ASN A 109 14.17 -31.85 21.66
N ARG A 110 15.14 -32.76 21.58
CA ARG A 110 14.84 -34.14 21.98
C ARG A 110 14.59 -34.29 23.47
N SER A 111 14.96 -33.30 24.29
CA SER A 111 14.70 -33.36 25.73
C SER A 111 13.24 -33.21 26.08
N GLY A 112 12.39 -32.84 25.12
CA GLY A 112 11.00 -32.53 25.41
C GLY A 112 10.78 -31.13 25.91
N GLN A 113 11.83 -30.33 26.05
CA GLN A 113 11.72 -28.93 26.44
C GLN A 113 11.91 -28.06 25.21
N LEU A 114 11.06 -27.05 25.06
CA LEU A 114 11.07 -26.21 23.86
C LEU A 114 12.13 -25.12 24.03
N ARG A 115 13.28 -25.32 23.39
CA ARG A 115 14.41 -24.42 23.55
C ARG A 115 14.90 -23.81 22.24
N TYR A 116 14.82 -24.54 21.11
CA TYR A 116 15.26 -24.01 19.83
C TYR A 116 14.17 -24.17 18.80
N TYR A 117 14.04 -23.16 17.93
CA TYR A 117 13.09 -23.27 16.85
C TYR A 117 13.84 -23.30 15.52
N PRO A 118 13.63 -24.32 14.69
CA PRO A 118 14.30 -24.40 13.38
C PRO A 118 13.57 -23.53 12.37
N GLY A 119 14.30 -22.59 11.76
CA GLY A 119 13.72 -21.75 10.73
C GLY A 119 13.60 -22.48 9.41
N SER A 120 13.02 -21.79 8.42
CA SER A 120 12.87 -22.39 7.11
C SER A 120 14.14 -23.04 6.56
N PRO A 121 15.36 -22.52 6.76
CA PRO A 121 16.53 -23.21 6.19
C PRO A 121 16.81 -24.53 6.87
N LEU A 122 16.55 -24.64 8.18
CA LEU A 122 16.81 -25.90 8.89
C LEU A 122 15.68 -26.92 8.68
N ILE A 123 14.44 -26.46 8.50
CA ILE A 123 13.40 -27.38 8.05
C ILE A 123 13.78 -28.00 6.72
N ALA A 124 14.26 -27.18 5.78
CA ALA A 124 14.68 -27.74 4.49
C ALA A 124 15.92 -28.61 4.64
N ARG A 125 16.90 -28.17 5.45
CA ARG A 125 18.10 -28.96 5.64
C ARG A 125 17.77 -30.38 6.12
N GLN A 126 16.79 -30.51 7.01
CA GLN A 126 16.45 -31.83 7.54
C GLN A 126 15.54 -32.62 6.60
N LEU A 127 14.62 -31.95 5.90
CA LEU A 127 13.70 -32.68 5.04
C LEU A 127 14.29 -33.04 3.67
N LEU A 128 15.15 -32.20 3.11
CA LEU A 128 15.68 -32.49 1.78
C LEU A 128 16.59 -33.72 1.82
N ARG A 129 16.71 -34.37 0.67
CA ARG A 129 17.44 -35.61 0.52
C ARG A 129 18.89 -35.33 0.13
N GLU A 130 19.69 -36.41 0.02
CA GLU A 130 21.11 -36.24 -0.33
C GLU A 130 21.29 -35.59 -1.69
N GLN A 131 20.38 -35.87 -2.63
CA GLN A 131 20.51 -35.38 -4.00
C GLN A 131 19.98 -33.97 -4.20
N ASP A 132 19.36 -33.37 -3.19
CA ASP A 132 18.73 -32.07 -3.35
C ASP A 132 19.71 -30.92 -3.04
N SER A 133 19.32 -29.70 -3.42
CA SER A 133 20.16 -28.52 -3.26
C SER A 133 19.44 -27.42 -2.52
N LEU A 134 20.21 -26.59 -1.82
CA LEU A 134 19.69 -25.44 -1.09
C LEU A 134 20.45 -24.19 -1.51
N GLN A 135 19.71 -23.13 -1.78
CA GLN A 135 20.27 -21.82 -2.09
C GLN A 135 19.63 -20.82 -1.14
N LEU A 136 20.43 -20.24 -0.25
CA LEU A 136 19.93 -19.43 0.85
C LEU A 136 20.61 -18.07 0.83
N THR A 137 19.83 -17.01 1.06
CA THR A 137 20.38 -15.67 1.15
C THR A 137 19.83 -14.98 2.39
N GLU A 138 20.70 -14.22 3.06
CA GLU A 138 20.36 -13.42 4.22
C GLU A 138 21.27 -12.20 4.22
N LEU A 139 20.66 -11.01 4.33
CA LEU A 139 21.41 -9.75 4.23
C LEU A 139 21.87 -9.19 5.58
N HIS A 140 21.21 -9.52 6.68
CA HIS A 140 21.54 -8.89 7.97
C HIS A 140 22.95 -9.30 8.38
N PRO A 141 23.80 -8.35 8.79
CA PRO A 141 25.21 -8.68 9.00
C PRO A 141 25.47 -9.58 10.21
N SER A 142 24.57 -9.62 11.18
CA SER A 142 24.73 -10.55 12.30
C SER A 142 24.08 -11.90 12.04
N ASP A 143 22.99 -11.95 11.27
CA ASP A 143 22.31 -13.21 11.06
C ASP A 143 22.89 -14.02 9.90
N TYR A 144 23.51 -13.38 8.90
CA TYR A 144 24.16 -14.13 7.84
C TYR A 144 25.24 -15.07 8.37
N PRO A 145 26.18 -14.64 9.22
CA PRO A 145 27.20 -15.59 9.73
C PRO A 145 26.61 -16.73 10.54
N LEU A 146 25.53 -16.48 11.30
CA LEU A 146 24.86 -17.57 11.99
C LEU A 146 24.29 -18.59 11.01
N LEU A 147 23.68 -18.09 9.94
CA LEU A 147 23.15 -18.99 8.91
C LEU A 147 24.26 -19.78 8.24
N ARG A 148 25.37 -19.11 7.94
CA ARG A 148 26.50 -19.81 7.33
C ARG A 148 26.98 -20.96 8.21
N SER A 149 27.02 -20.73 9.52
CA SER A 149 27.53 -21.76 10.42
C SER A 149 26.65 -23.01 10.40
N GLU A 150 25.35 -22.84 10.19
CA GLU A 150 24.45 -24.00 10.13
C GLU A 150 24.72 -24.89 8.93
N PHE A 151 25.45 -24.40 7.92
CA PHE A 151 25.64 -25.17 6.70
C PHE A 151 27.11 -25.40 6.37
N GLN A 152 28.00 -25.18 7.34
CA GLN A 152 29.45 -25.25 7.06
C GLN A 152 29.91 -26.64 6.66
N LYS A 153 29.14 -27.68 6.95
CA LYS A 153 29.50 -29.04 6.55
C LYS A 153 28.48 -29.65 5.60
N ASP A 154 27.59 -28.86 5.01
CA ASP A 154 26.54 -29.35 4.14
C ASP A 154 26.82 -28.89 2.73
N SER A 155 27.42 -29.76 1.90
CA SER A 155 27.78 -29.40 0.54
C SER A 155 26.57 -29.27 -0.39
N ARG A 156 25.36 -29.58 0.07
CA ARG A 156 24.19 -29.35 -0.75
C ARG A 156 23.80 -27.88 -0.81
N ALA A 157 24.33 -27.07 0.09
CA ALA A 157 23.83 -25.72 0.32
C ALA A 157 24.85 -24.68 -0.07
N ARG A 158 24.32 -23.56 -0.57
CA ARG A 158 25.10 -22.34 -0.77
C ARG A 158 24.41 -21.24 0.01
N VAL A 159 25.20 -20.47 0.76
CA VAL A 159 24.70 -19.41 1.64
C VAL A 159 25.41 -18.12 1.27
N GLU A 160 24.64 -17.09 0.88
CA GLU A 160 25.22 -15.84 0.42
C GLU A 160 24.59 -14.66 1.15
N LYS A 161 25.41 -13.64 1.40
CA LYS A 161 24.97 -12.36 1.96
C LYS A 161 24.67 -11.46 0.77
N ALA A 162 23.42 -11.49 0.32
CA ALA A 162 23.01 -10.84 -0.91
C ALA A 162 21.51 -10.59 -0.88
N ASP A 163 21.07 -9.68 -1.74
CA ASP A 163 19.66 -9.38 -1.88
C ASP A 163 18.89 -10.60 -2.38
N GLY A 164 17.91 -11.02 -1.59
CA GLY A 164 17.14 -12.20 -1.94
C GLY A 164 16.32 -12.05 -3.21
N PHE A 165 15.81 -10.84 -3.47
CA PHE A 165 15.03 -10.64 -4.69
C PHE A 165 15.88 -10.83 -5.93
N GLN A 166 17.18 -10.49 -5.88
CA GLN A 166 18.06 -10.74 -7.02
C GLN A 166 18.22 -12.22 -7.30
N GLN A 167 18.06 -13.08 -6.30
CA GLN A 167 18.27 -14.50 -6.52
C GLN A 167 17.19 -15.12 -7.39
N LEU A 168 16.02 -14.47 -7.50
CA LEU A 168 14.96 -14.94 -8.37
C LEU A 168 15.35 -14.78 -9.84
N LYS A 169 16.34 -13.95 -10.12
CA LYS A 169 16.94 -13.86 -11.45
C LYS A 169 18.15 -14.79 -11.55
N ALA A 170 19.02 -14.76 -10.55
CA ALA A 170 20.34 -15.37 -10.69
C ALA A 170 20.33 -16.88 -10.53
N LYS A 171 19.39 -17.42 -9.75
CA LYS A 171 19.43 -18.83 -9.37
C LYS A 171 18.34 -19.65 -10.04
N LEU A 172 17.60 -19.08 -10.98
CA LEU A 172 16.52 -19.79 -11.63
C LEU A 172 16.69 -19.74 -13.14
N PRO A 173 16.37 -20.82 -13.86
CA PRO A 173 15.88 -22.09 -13.32
C PRO A 173 17.00 -22.94 -12.73
N PRO A 174 16.67 -23.82 -11.80
CA PRO A 174 17.68 -24.78 -11.33
C PRO A 174 17.97 -25.82 -12.41
N VAL A 175 19.21 -26.32 -12.42
CA VAL A 175 19.55 -27.32 -13.41
C VAL A 175 18.68 -28.56 -13.22
N SER A 176 18.24 -28.81 -11.99
CA SER A 176 17.34 -29.92 -11.74
C SER A 176 15.96 -29.71 -12.36
N ARG A 177 15.59 -28.47 -12.68
CA ARG A 177 14.28 -28.17 -13.28
C ARG A 177 13.11 -28.55 -12.36
N ARG A 178 13.38 -28.59 -11.06
CA ARG A 178 12.37 -28.81 -10.02
C ARG A 178 12.70 -27.93 -8.82
N GLY A 179 11.69 -27.42 -8.13
CA GLY A 179 12.04 -26.58 -7.00
C GLY A 179 10.86 -26.01 -6.25
N LEU A 180 11.16 -25.65 -5.00
CA LEU A 180 10.32 -24.81 -4.15
C LEU A 180 11.09 -23.52 -3.89
N ILE A 181 10.45 -22.39 -4.17
CA ILE A 181 11.02 -21.09 -3.92
C ILE A 181 10.18 -20.43 -2.83
N LEU A 182 10.80 -20.18 -1.66
CA LEU A 182 10.13 -19.53 -0.53
C LEU A 182 10.58 -18.07 -0.48
N ILE A 183 9.62 -17.16 -0.58
CA ILE A 183 9.87 -15.72 -0.56
C ILE A 183 9.25 -15.20 0.73
N ASP A 184 10.07 -14.82 1.70
CA ASP A 184 9.59 -14.60 3.07
C ASP A 184 10.21 -13.35 3.68
N PRO A 185 9.97 -12.18 3.07
CA PRO A 185 10.57 -10.94 3.58
C PRO A 185 9.88 -10.45 4.83
N PRO A 186 10.49 -9.50 5.55
CA PRO A 186 9.88 -8.99 6.78
C PRO A 186 8.89 -7.85 6.59
N TYR A 187 8.83 -7.26 5.40
CA TYR A 187 7.97 -6.10 5.13
C TYR A 187 8.31 -4.94 6.07
N GLU A 188 9.57 -4.89 6.50
CA GLU A 188 10.07 -3.72 7.20
C GLU A 188 10.10 -2.51 6.26
N MET A 189 10.66 -2.69 5.07
CA MET A 189 10.57 -1.70 4.00
C MET A 189 9.26 -1.88 3.25
N LYS A 190 8.47 -0.81 3.11
CA LYS A 190 7.19 -0.96 2.43
C LYS A 190 7.35 -1.37 0.98
N THR A 191 8.54 -1.20 0.40
CA THR A 191 8.80 -1.65 -0.96
C THR A 191 8.62 -3.16 -1.13
N ASP A 192 8.65 -3.93 -0.03
CA ASP A 192 8.50 -5.38 -0.17
C ASP A 192 7.16 -5.74 -0.82
N TYR A 193 6.11 -4.94 -0.57
CA TYR A 193 4.81 -5.29 -1.12
C TYR A 193 4.81 -5.29 -2.64
N GLN A 194 5.63 -4.45 -3.25
CA GLN A 194 5.79 -4.47 -4.71
C GLN A 194 6.92 -5.38 -5.15
N ALA A 195 7.99 -5.49 -4.36
CA ALA A 195 9.14 -6.30 -4.75
C ALA A 195 8.80 -7.79 -4.83
N VAL A 196 7.88 -8.27 -3.99
CA VAL A 196 7.56 -9.69 -4.04
C VAL A 196 6.83 -10.02 -5.34
N VAL A 197 6.02 -9.09 -5.85
CA VAL A 197 5.29 -9.36 -7.08
C VAL A 197 6.22 -9.29 -8.29
N SER A 198 7.06 -8.24 -8.36
N SER A 198 7.02 -8.22 -8.37
CA SER A 198 8.00 -8.16 -9.47
CA SER A 198 8.05 -8.12 -9.42
C SER A 198 9.09 -9.24 -9.39
C SER A 198 8.98 -9.33 -9.37
N GLY A 199 9.41 -9.71 -8.18
CA GLY A 199 10.34 -10.83 -8.05
C GLY A 199 9.74 -12.13 -8.51
N ILE A 200 8.49 -12.40 -8.14
CA ILE A 200 7.81 -13.60 -8.60
C ILE A 200 7.69 -13.59 -10.11
N ALA A 201 7.39 -12.43 -10.70
CA ALA A 201 7.27 -12.36 -12.15
C ALA A 201 8.60 -12.72 -12.82
N GLU A 202 9.72 -12.24 -12.27
CA GLU A 202 11.02 -12.56 -12.84
C GLU A 202 11.39 -14.02 -12.64
N GLY A 203 11.11 -14.56 -11.45
CA GLY A 203 11.37 -15.97 -11.23
C GLY A 203 10.54 -16.85 -12.14
N TYR A 204 9.24 -16.57 -12.21
CA TYR A 204 8.31 -17.36 -13.00
C TYR A 204 8.69 -17.35 -14.47
N LYS A 205 9.16 -16.21 -14.97
CA LYS A 205 9.60 -16.13 -16.36
C LYS A 205 10.72 -17.13 -16.63
N ARG A 206 11.66 -17.26 -15.70
CA ARG A 206 12.78 -18.19 -15.83
C ARG A 206 12.42 -19.63 -15.50
N PHE A 207 11.36 -19.84 -14.69
CA PHE A 207 11.09 -21.16 -14.14
C PHE A 207 9.59 -21.23 -13.84
N ALA A 208 8.80 -21.44 -14.90
CA ALA A 208 7.34 -21.35 -14.80
C ALA A 208 6.69 -22.57 -14.15
N THR A 209 7.42 -23.67 -14.00
CA THR A 209 6.84 -24.86 -13.41
C THR A 209 7.17 -24.99 -11.93
N GLY A 210 8.00 -24.10 -11.38
CA GLY A 210 8.37 -24.18 -9.99
C GLY A 210 7.20 -23.85 -9.09
N THR A 211 7.29 -24.29 -7.84
CA THR A 211 6.32 -23.91 -6.82
C THR A 211 6.87 -22.72 -6.05
N TYR A 212 6.15 -21.60 -6.08
CA TYR A 212 6.50 -20.38 -5.38
C TYR A 212 5.59 -20.21 -4.18
N ALA A 213 6.18 -20.01 -3.01
CA ALA A 213 5.41 -19.81 -1.78
C ALA A 213 5.79 -18.46 -1.21
N LEU A 214 4.83 -17.53 -1.19
CA LEU A 214 5.06 -16.16 -0.73
C LEU A 214 4.38 -15.99 0.62
N TRP A 215 5.15 -15.66 1.65
CA TRP A 215 4.55 -15.33 2.95
C TRP A 215 4.21 -13.85 3.03
N TYR A 216 3.08 -13.52 3.65
CA TYR A 216 2.70 -12.13 3.86
C TYR A 216 2.06 -11.95 5.24
N PRO A 217 2.25 -10.80 5.86
CA PRO A 217 1.52 -10.44 7.08
C PRO A 217 0.28 -9.62 6.78
N VAL A 218 -0.73 -9.74 7.63
CA VAL A 218 -1.89 -8.84 7.57
C VAL A 218 -1.75 -7.86 8.74
N VAL A 219 -1.10 -6.74 8.45
CA VAL A 219 -1.15 -5.56 9.30
C VAL A 219 -2.06 -4.50 8.71
N LEU A 220 -2.05 -4.37 7.39
CA LEU A 220 -2.90 -3.44 6.65
C LEU A 220 -3.58 -4.25 5.54
N ARG A 221 -4.85 -4.62 5.74
CA ARG A 221 -5.50 -5.48 4.76
C ARG A 221 -5.50 -4.86 3.36
N GLN A 222 -5.69 -3.54 3.26
CA GLN A 222 -5.79 -2.98 1.92
C GLN A 222 -4.47 -3.11 1.16
N GLN A 223 -3.34 -3.09 1.86
CA GLN A 223 -2.08 -3.24 1.14
C GLN A 223 -1.89 -4.67 0.67
N ILE A 224 -2.48 -5.64 1.39
CA ILE A 224 -2.47 -7.02 0.91
C ILE A 224 -3.39 -7.17 -0.29
N LYS A 225 -4.55 -6.51 -0.27
CA LYS A 225 -5.43 -6.58 -1.45
C LYS A 225 -4.76 -5.95 -2.67
N ARG A 226 -4.04 -4.84 -2.45
CA ARG A 226 -3.29 -4.18 -3.52
C ARG A 226 -2.23 -5.10 -4.11
N MET A 227 -1.49 -5.78 -3.23
CA MET A 227 -0.47 -6.73 -3.63
C MET A 227 -1.07 -7.86 -4.47
N ILE A 228 -2.17 -8.43 -3.98
CA ILE A 228 -2.79 -9.55 -4.70
C ILE A 228 -3.33 -9.09 -6.03
N HIS A 229 -3.87 -7.88 -6.09
CA HIS A 229 -4.29 -7.30 -7.37
C HIS A 229 -3.13 -7.22 -8.35
N ASP A 230 -1.98 -6.73 -7.88
CA ASP A 230 -0.81 -6.65 -8.74
C ASP A 230 -0.37 -8.04 -9.20
N LEU A 231 -0.50 -9.03 -8.30
CA LEU A 231 -0.10 -10.39 -8.67
C LEU A 231 -1.04 -10.96 -9.72
N GLU A 232 -2.35 -10.76 -9.58
CA GLU A 232 -3.28 -11.20 -10.60
C GLU A 232 -2.94 -10.56 -11.95
N ALA A 233 -2.56 -9.28 -11.93
CA ALA A 233 -2.28 -8.56 -13.16
C ALA A 233 -1.09 -9.12 -13.93
N THR A 234 -0.22 -9.93 -13.29
CA THR A 234 0.89 -10.53 -14.01
C THR A 234 0.44 -11.55 -15.04
N GLY A 235 -0.80 -12.05 -14.92
CA GLY A 235 -1.29 -13.13 -15.76
C GLY A 235 -0.88 -14.51 -15.31
N ILE A 236 -0.10 -14.64 -14.23
CA ILE A 236 0.28 -15.97 -13.74
C ILE A 236 -0.96 -16.71 -13.25
N ARG A 237 -1.06 -17.99 -13.61
CA ARG A 237 -2.21 -18.82 -13.28
C ARG A 237 -1.89 -19.77 -12.12
N LYS A 238 -2.95 -20.46 -11.65
CA LYS A 238 -2.85 -21.49 -10.60
C LYS A 238 -2.24 -20.92 -9.31
N ILE A 239 -2.98 -20.01 -8.70
CA ILE A 239 -2.49 -19.30 -7.52
C ILE A 239 -3.44 -19.55 -6.36
N LEU A 240 -2.93 -20.22 -5.34
CA LEU A 240 -3.68 -20.59 -4.15
C LEU A 240 -3.32 -19.64 -3.01
N GLN A 241 -4.28 -19.38 -2.11
CA GLN A 241 -4.10 -18.51 -0.95
C GLN A 241 -4.51 -19.26 0.32
N ILE A 242 -3.59 -19.34 1.27
CA ILE A 242 -3.82 -20.00 2.57
C ILE A 242 -3.60 -18.95 3.65
N GLU A 243 -4.62 -18.70 4.48
CA GLU A 243 -4.51 -17.62 5.46
C GLU A 243 -4.95 -18.11 6.84
N LEU A 244 -4.20 -17.71 7.86
CA LEU A 244 -4.62 -17.99 9.23
C LEU A 244 -4.59 -16.68 10.01
N ALA A 245 -5.76 -16.30 10.54
CA ALA A 245 -5.94 -15.09 11.33
C ALA A 245 -6.22 -15.48 12.77
N VAL A 246 -5.53 -14.81 13.69
CA VAL A 246 -5.77 -15.03 15.12
C VAL A 246 -6.79 -14.04 15.65
N LEU A 247 -7.10 -12.99 14.90
CA LEU A 247 -8.11 -11.97 15.23
C LEU A 247 -8.67 -11.45 13.92
N PRO A 248 -9.87 -10.88 13.93
CA PRO A 248 -10.39 -10.26 12.71
C PRO A 248 -9.54 -9.08 12.28
N ASP A 249 -9.65 -8.73 10.99
CA ASP A 249 -8.93 -7.57 10.47
C ASP A 249 -9.18 -6.34 11.33
N SER A 250 -8.13 -5.57 11.55
CA SER A 250 -8.32 -4.31 12.29
C SER A 250 -7.54 -3.19 11.63
N GLY A 254 -1.81 -4.42 15.43
CA GLY A 254 -0.66 -4.95 14.73
C GLY A 254 -0.98 -6.04 13.71
N MET A 255 -0.20 -7.11 13.70
CA MET A 255 -0.43 -8.21 12.79
C MET A 255 -1.53 -9.11 13.36
N THR A 256 -2.64 -9.23 12.63
CA THR A 256 -3.75 -10.05 13.07
C THR A 256 -3.82 -11.38 12.35
N ALA A 257 -3.07 -11.56 11.27
CA ALA A 257 -3.14 -12.74 10.42
C ALA A 257 -1.85 -12.82 9.62
N SER A 258 -1.64 -13.97 9.00
CA SER A 258 -0.60 -14.08 7.98
C SER A 258 -1.06 -15.13 6.99
N GLY A 259 -0.39 -15.16 5.83
CA GLY A 259 -0.78 -16.13 4.83
C GLY A 259 0.37 -16.61 3.99
N MET A 260 0.06 -17.62 3.17
CA MET A 260 0.98 -18.17 2.18
C MET A 260 0.25 -18.14 0.84
N ILE A 261 0.82 -17.44 -0.14
CA ILE A 261 0.32 -17.48 -1.51
C ILE A 261 1.18 -18.46 -2.29
N VAL A 262 0.56 -19.48 -2.88
CA VAL A 262 1.31 -20.59 -3.48
C VAL A 262 0.96 -20.66 -4.96
N ILE A 263 1.96 -20.42 -5.80
CA ILE A 263 1.84 -20.57 -7.24
C ILE A 263 2.31 -21.98 -7.61
N ASN A 264 1.52 -22.67 -8.42
CA ASN A 264 1.77 -24.08 -8.76
C ASN A 264 1.80 -24.94 -7.50
N PRO A 265 0.75 -24.91 -6.68
CA PRO A 265 0.72 -25.82 -5.53
C PRO A 265 0.77 -27.27 -5.99
N PRO A 266 1.43 -28.13 -5.23
CA PRO A 266 1.26 -29.57 -5.45
C PRO A 266 -0.22 -29.91 -5.39
N TRP A 267 -0.61 -30.91 -6.19
CA TRP A 267 -2.04 -31.17 -6.35
C TRP A 267 -2.72 -31.54 -5.03
N LYS A 268 -1.98 -32.05 -4.05
CA LYS A 268 -2.60 -32.44 -2.79
C LYS A 268 -2.72 -31.29 -1.79
N LEU A 269 -2.07 -30.16 -2.04
CA LEU A 269 -1.90 -29.16 -0.98
C LEU A 269 -3.24 -28.58 -0.53
N GLU A 270 -4.16 -28.28 -1.46
CA GLU A 270 -5.43 -27.71 -1.05
C GLU A 270 -6.17 -28.64 -0.10
N GLN A 271 -6.24 -29.94 -0.43
CA GLN A 271 -6.94 -30.87 0.44
C GLN A 271 -6.20 -31.07 1.76
N GLN A 272 -4.87 -31.10 1.73
CA GLN A 272 -4.11 -31.18 2.97
C GLN A 272 -4.43 -30.01 3.89
N MET A 273 -4.56 -28.82 3.33
CA MET A 273 -4.87 -27.67 4.17
C MET A 273 -6.32 -27.70 4.65
N ASN A 274 -7.24 -28.17 3.82
CA ASN A 274 -8.62 -28.33 4.31
C ASN A 274 -8.68 -29.35 5.44
N ASN A 275 -7.80 -30.35 5.40
CA ASN A 275 -7.72 -31.36 6.46
C ASN A 275 -7.19 -30.79 7.77
N VAL A 276 -6.19 -29.91 7.69
CA VAL A 276 -5.38 -29.58 8.86
C VAL A 276 -5.67 -28.18 9.41
N LEU A 277 -6.19 -27.27 8.61
CA LEU A 277 -6.45 -25.92 9.11
C LEU A 277 -7.45 -25.86 10.26
N PRO A 278 -8.56 -26.61 10.26
CA PRO A 278 -9.44 -26.54 11.44
C PRO A 278 -8.74 -26.91 12.74
N TRP A 279 -7.98 -28.01 12.73
CA TRP A 279 -7.21 -28.40 13.91
C TRP A 279 -6.18 -27.34 14.27
N LEU A 280 -5.41 -26.88 13.29
CA LEU A 280 -4.40 -25.85 13.54
C LEU A 280 -5.01 -24.60 14.16
N HIS A 281 -6.13 -24.13 13.61
CA HIS A 281 -6.70 -22.89 14.14
C HIS A 281 -7.26 -23.11 15.54
N SER A 282 -7.81 -24.30 15.81
CA SER A 282 -8.36 -24.54 17.14
C SER A 282 -7.24 -24.61 18.19
N LYS A 283 -6.04 -25.07 17.83
CA LYS A 283 -4.95 -25.15 18.80
C LYS A 283 -4.21 -23.82 18.94
N LEU A 284 -3.97 -23.14 17.82
CA LEU A 284 -3.29 -21.84 17.87
C LEU A 284 -4.17 -20.77 18.47
N VAL A 285 -5.49 -20.87 18.29
CA VAL A 285 -6.43 -19.83 18.70
C VAL A 285 -7.58 -20.49 19.46
N PRO A 286 -7.37 -20.87 20.72
CA PRO A 286 -8.40 -21.64 21.44
C PRO A 286 -9.72 -20.89 21.58
N ALA A 287 -9.70 -19.56 21.58
CA ALA A 287 -10.94 -18.80 21.74
C ALA A 287 -11.76 -18.74 20.46
N GLY A 288 -11.19 -19.14 19.32
CA GLY A 288 -11.91 -19.20 18.06
C GLY A 288 -11.90 -17.94 17.22
N THR A 289 -11.22 -16.89 17.65
CA THR A 289 -11.27 -15.63 16.91
C THR A 289 -10.48 -15.75 15.61
N GLY A 290 -10.81 -14.90 14.65
CA GLY A 290 -10.13 -14.96 13.36
C GLY A 290 -10.69 -16.04 12.46
N HIS A 291 -9.82 -16.64 11.66
CA HIS A 291 -10.26 -17.60 10.65
C HIS A 291 -9.04 -18.37 10.13
N ALA A 292 -9.33 -19.46 9.41
CA ALA A 292 -8.31 -20.22 8.71
C ALA A 292 -8.94 -20.72 7.42
N THR A 293 -8.45 -20.20 6.29
CA THR A 293 -9.06 -20.41 4.99
C THR A 293 -8.04 -20.85 3.96
N VAL A 294 -8.52 -21.64 2.99
CA VAL A 294 -7.78 -21.93 1.77
C VAL A 294 -8.72 -21.67 0.59
N SER A 295 -8.27 -20.88 -0.36
CA SER A 295 -9.08 -20.47 -1.51
C SER A 295 -8.12 -20.12 -2.64
N TRP A 296 -8.68 -19.89 -3.83
CA TRP A 296 -7.88 -19.62 -5.01
C TRP A 296 -7.90 -18.14 -5.34
N ILE A 297 -6.73 -17.58 -5.59
CA ILE A 297 -6.66 -16.24 -6.16
C ILE A 297 -6.90 -16.29 -7.66
N VAL A 298 -6.26 -17.23 -8.34
CA VAL A 298 -6.51 -17.49 -9.76
C VAL A 298 -6.83 -18.97 -9.87
N PRO A 299 -8.09 -19.33 -10.05
CA PRO A 299 -8.48 -20.74 -10.01
C PRO A 299 -8.20 -21.46 -11.33
N GLU A 300 -8.19 -22.79 -11.25
CA GLU A 300 -8.05 -23.61 -12.44
C GLU A 300 -9.36 -23.58 -13.24
N MET B 21 8.14 22.07 -20.86
CA MET B 21 7.37 21.22 -19.97
C MET B 21 8.05 21.10 -18.60
N LEU B 22 7.21 20.91 -17.57
CA LEU B 22 7.68 20.71 -16.20
C LEU B 22 8.56 21.85 -15.70
N SER B 23 8.30 23.08 -16.12
N SER B 23 8.29 23.07 -16.18
CA SER B 23 8.97 24.22 -15.50
CA SER B 23 8.91 24.25 -15.58
C SER B 23 8.21 24.80 -14.32
C SER B 23 8.26 24.61 -14.25
N TYR B 24 6.94 24.45 -14.17
CA TYR B 24 6.18 24.91 -13.01
C TYR B 24 6.70 24.25 -11.74
N ARG B 25 6.78 25.02 -10.66
CA ARG B 25 7.05 24.47 -9.33
C ARG B 25 6.00 24.97 -8.35
N HIS B 26 5.37 24.05 -7.64
CA HIS B 26 4.34 24.50 -6.71
C HIS B 26 4.90 25.28 -5.52
N SER B 27 6.20 25.14 -5.23
CA SER B 27 6.78 25.91 -4.14
C SER B 27 6.58 27.42 -4.30
N PHE B 28 6.45 27.90 -5.54
CA PHE B 28 6.21 29.33 -5.74
C PHE B 28 4.80 29.77 -5.35
N HIS B 29 3.87 28.84 -5.20
CA HIS B 29 2.48 29.18 -5.02
C HIS B 29 1.85 28.58 -3.77
N ALA B 30 2.56 27.71 -3.06
CA ALA B 30 1.97 26.92 -2.00
C ALA B 30 1.37 27.79 -0.90
N GLY B 31 0.16 27.44 -0.50
CA GLY B 31 -0.52 28.15 0.57
C GLY B 31 -1.22 29.43 0.16
N ASN B 32 -1.27 29.75 -1.14
CA ASN B 32 -1.98 30.92 -1.61
C ASN B 32 -3.49 30.68 -1.52
N HIS B 33 -4.27 31.65 -2.02
CA HIS B 33 -5.73 31.56 -1.89
C HIS B 33 -6.29 30.33 -2.58
N ALA B 34 -5.69 29.92 -3.70
CA ALA B 34 -6.15 28.73 -4.42
C ALA B 34 -5.95 27.47 -3.59
N ASP B 35 -4.80 27.35 -2.92
CA ASP B 35 -4.59 26.20 -2.04
C ASP B 35 -5.55 26.23 -0.86
N VAL B 36 -5.87 27.43 -0.35
CA VAL B 36 -6.79 27.50 0.79
C VAL B 36 -8.15 26.93 0.38
N LEU B 37 -8.65 27.35 -0.78
CA LEU B 37 -9.93 26.83 -1.25
C LEU B 37 -9.85 25.33 -1.53
N LYS B 38 -8.79 24.94 -2.24
CA LYS B 38 -8.60 23.55 -2.65
C LYS B 38 -8.55 22.61 -1.45
N HIS B 39 -7.69 22.92 -0.48
CA HIS B 39 -7.47 22.03 0.63
C HIS B 39 -8.60 22.09 1.64
N THR B 40 -9.33 23.21 1.69
CA THR B 40 -10.59 23.23 2.41
C THR B 40 -11.54 22.20 1.85
N VAL B 41 -11.79 22.24 0.53
CA VAL B 41 -12.71 21.29 -0.09
C VAL B 41 -12.20 19.86 0.07
N GLN B 42 -10.90 19.65 -0.17
CA GLN B 42 -10.32 18.32 0.01
C GLN B 42 -10.56 17.79 1.42
N SER B 43 -10.32 18.62 2.42
CA SER B 43 -10.42 18.14 3.80
C SER B 43 -11.86 17.80 4.14
N LEU B 44 -12.80 18.62 3.66
CA LEU B 44 -14.22 18.34 3.92
C LEU B 44 -14.68 17.05 3.27
N ILE B 45 -14.22 16.76 2.05
CA ILE B 45 -14.61 15.50 1.40
C ILE B 45 -14.04 14.30 2.15
N ILE B 46 -12.78 14.40 2.60
CA ILE B 46 -12.17 13.31 3.35
C ILE B 46 -12.93 13.06 4.66
N GLU B 47 -13.30 14.12 5.37
CA GLU B 47 -14.01 13.93 6.63
C GLU B 47 -15.36 13.26 6.39
N SER B 48 -16.02 13.57 5.27
CA SER B 48 -17.28 12.92 4.95
C SER B 48 -17.07 11.45 4.62
N LEU B 49 -16.03 11.13 3.83
CA LEU B 49 -15.74 9.74 3.51
C LEU B 49 -15.44 8.93 4.76
N LYS B 50 -14.87 9.57 5.79
CA LYS B 50 -14.53 8.87 7.03
C LYS B 50 -15.76 8.58 7.89
N GLU B 51 -16.94 9.11 7.53
CA GLU B 51 -18.15 8.82 8.30
C GLU B 51 -18.51 7.35 8.24
N LYS B 52 -18.14 6.66 7.16
CA LYS B 52 -18.37 5.23 6.97
C LYS B 52 -17.12 4.46 7.37
N ASP B 53 -17.30 3.42 8.20
CA ASP B 53 -16.19 2.62 8.71
C ASP B 53 -15.73 1.57 7.71
N LYS B 54 -15.50 2.00 6.47
CA LYS B 54 -14.93 1.16 5.44
C LYS B 54 -13.80 1.95 4.77
N PRO B 55 -12.70 1.30 4.42
CA PRO B 55 -11.55 2.02 3.86
C PRO B 55 -11.84 2.67 2.52
N PHE B 56 -11.02 3.67 2.19
CA PHE B 56 -11.11 4.30 0.88
C PHE B 56 -9.71 4.68 0.39
N LEU B 57 -9.62 4.93 -0.91
CA LEU B 57 -8.38 5.37 -1.55
C LEU B 57 -8.39 6.88 -1.74
N TYR B 58 -7.27 7.52 -1.45
CA TYR B 58 -7.03 8.89 -1.86
C TYR B 58 -6.04 8.84 -3.02
N LEU B 59 -6.45 9.33 -4.20
CA LEU B 59 -5.63 9.33 -5.42
C LEU B 59 -5.36 10.77 -5.82
N ASP B 60 -4.07 11.12 -5.91
CA ASP B 60 -3.59 12.48 -6.17
C ASP B 60 -2.78 12.39 -7.46
N THR B 61 -3.37 12.80 -8.60
CA THR B 61 -2.74 12.63 -9.91
C THR B 61 -1.53 13.55 -10.08
N HIS B 62 -1.61 14.75 -9.51
CA HIS B 62 -0.61 15.81 -9.68
C HIS B 62 -0.26 16.27 -8.27
N ALA B 63 0.64 15.54 -7.61
CA ALA B 63 0.69 15.60 -6.15
C ALA B 63 1.62 16.67 -5.58
N GLY B 64 2.56 17.16 -6.37
CA GLY B 64 3.53 18.11 -5.85
C GLY B 64 4.59 17.47 -4.96
N ALA B 65 5.26 18.32 -4.18
CA ALA B 65 6.37 17.91 -3.33
C ALA B 65 5.95 17.37 -1.97
N GLY B 66 4.70 17.60 -1.53
CA GLY B 66 4.32 17.14 -0.21
C GLY B 66 4.26 18.27 0.79
N ARG B 67 5.41 18.80 1.22
CA ARG B 67 5.40 19.98 2.09
C ARG B 67 6.29 21.04 1.48
N TYR B 68 6.07 22.29 1.90
CA TYR B 68 6.76 23.44 1.34
C TYR B 68 7.29 24.32 2.45
N GLN B 69 8.56 24.71 2.35
CA GLN B 69 9.12 25.69 3.27
C GLN B 69 8.73 27.08 2.82
N LEU B 70 8.11 27.84 3.71
CA LEU B 70 7.57 29.14 3.35
C LEU B 70 8.60 30.25 3.58
N GLY B 71 9.22 30.27 4.76
CA GLY B 71 10.25 31.24 5.06
C GLY B 71 11.53 30.59 5.57
N GLY B 79 6.02 34.91 -1.78
CA GLY B 79 5.37 34.96 -0.49
C GLY B 79 3.85 34.99 -0.59
N LYS B 80 3.32 34.29 -1.60
CA LYS B 80 1.90 34.29 -1.86
C LYS B 80 1.08 33.70 -0.71
N TYR B 81 1.69 32.81 0.11
CA TYR B 81 1.01 32.29 1.28
C TYR B 81 0.61 33.39 2.26
N LEU B 82 1.28 34.55 2.22
CA LEU B 82 0.92 35.61 3.15
C LEU B 82 -0.48 36.15 2.87
N GLU B 83 -0.95 36.02 1.63
CA GLU B 83 -2.32 36.40 1.28
C GLU B 83 -3.28 35.23 1.27
N GLY B 84 -2.81 34.02 1.60
CA GLY B 84 -3.63 32.84 1.66
C GLY B 84 -3.75 32.27 3.06
N ILE B 85 -3.03 31.18 3.35
CA ILE B 85 -3.19 30.46 4.61
C ILE B 85 -2.90 31.36 5.81
N ALA B 86 -1.91 32.26 5.69
CA ALA B 86 -1.57 33.14 6.81
C ALA B 86 -2.76 33.94 7.31
N ARG B 87 -3.68 34.32 6.42
CA ARG B 87 -4.81 35.16 6.79
C ARG B 87 -5.95 34.40 7.47
N ILE B 88 -5.85 33.07 7.59
CA ILE B 88 -6.95 32.35 8.24
C ILE B 88 -6.51 31.39 9.34
N TRP B 89 -5.26 30.89 9.37
CA TRP B 89 -4.98 29.74 10.22
C TRP B 89 -4.98 30.06 11.72
N GLN B 90 -4.86 31.35 12.10
CA GLN B 90 -4.86 31.71 13.51
C GLN B 90 -5.98 32.69 13.86
N GLN B 91 -7.03 32.75 13.04
CA GLN B 91 -8.21 33.53 13.39
C GLN B 91 -8.99 32.83 14.50
N ASP B 92 -9.35 33.58 15.54
CA ASP B 92 -10.05 32.93 16.64
C ASP B 92 -11.54 32.73 16.36
N ASP B 93 -12.06 33.24 15.24
CA ASP B 93 -13.41 32.92 14.79
C ASP B 93 -13.39 31.97 13.59
N LEU B 94 -12.41 31.07 13.54
CA LEU B 94 -12.31 30.09 12.46
C LEU B 94 -13.58 29.24 12.39
N PRO B 95 -14.26 29.19 11.23
CA PRO B 95 -15.45 28.33 11.13
C PRO B 95 -15.12 26.87 11.41
N ALA B 96 -16.11 26.16 11.97
CA ALA B 96 -15.94 24.75 12.28
C ALA B 96 -15.54 23.95 11.04
N GLU B 97 -16.03 24.33 9.86
CA GLU B 97 -15.78 23.59 8.64
C GLU B 97 -14.30 23.59 8.25
N LEU B 98 -13.51 24.50 8.80
CA LEU B 98 -12.09 24.62 8.49
C LEU B 98 -11.19 23.95 9.51
N GLU B 99 -11.75 23.40 10.59
CA GLU B 99 -10.91 22.93 11.69
C GLU B 99 -10.05 21.73 11.31
N ALA B 100 -10.57 20.82 10.49
CA ALA B 100 -9.78 19.65 10.13
C ALA B 100 -8.57 20.05 9.30
N TYR B 101 -8.80 20.95 8.33
CA TYR B 101 -7.73 21.48 7.50
C TYR B 101 -6.69 22.22 8.35
N ILE B 102 -7.13 23.16 9.18
CA ILE B 102 -6.18 23.96 9.94
C ILE B 102 -5.42 23.10 10.96
N ASN B 103 -6.03 22.03 11.46
CA ASN B 103 -5.31 21.15 12.37
C ASN B 103 -4.13 20.48 11.67
N VAL B 104 -4.24 20.18 10.37
CA VAL B 104 -3.09 19.65 9.66
C VAL B 104 -2.02 20.73 9.53
N VAL B 105 -2.43 21.96 9.22
CA VAL B 105 -1.45 23.05 9.10
C VAL B 105 -0.73 23.23 10.43
N LYS B 106 -1.47 23.15 11.54
CA LYS B 106 -0.85 23.28 12.87
C LYS B 106 0.11 22.13 13.16
N HIS B 107 -0.23 20.92 12.71
CA HIS B 107 0.64 19.77 12.89
C HIS B 107 2.05 20.04 12.38
N PHE B 108 2.16 20.74 11.26
CA PHE B 108 3.43 21.02 10.63
C PHE B 108 3.98 22.39 11.03
N ASN B 109 3.35 23.04 11.99
CA ASN B 109 3.83 24.31 12.54
C ASN B 109 3.50 24.34 14.04
N ARG B 110 3.96 23.31 14.76
CA ARG B 110 3.50 23.14 16.13
C ARG B 110 3.99 24.24 17.05
N SER B 111 5.15 24.85 16.74
CA SER B 111 5.63 25.97 17.55
C SER B 111 4.77 27.22 17.42
N GLY B 112 3.86 27.29 16.45
CA GLY B 112 2.95 28.42 16.31
C GLY B 112 3.35 29.44 15.27
N GLN B 113 4.46 29.25 14.57
CA GLN B 113 4.88 30.17 13.53
C GLN B 113 4.80 29.48 12.18
N LEU B 114 4.34 30.22 11.18
CA LEU B 114 4.08 29.68 9.84
C LEU B 114 5.41 29.54 9.11
N ARG B 115 5.94 28.33 9.07
CA ARG B 115 7.19 28.01 8.40
C ARG B 115 7.04 26.96 7.31
N TYR B 116 6.06 26.05 7.41
CA TYR B 116 5.88 24.99 6.44
C TYR B 116 4.42 24.93 6.03
N TYR B 117 4.17 24.57 4.78
CA TYR B 117 2.80 24.37 4.35
C TYR B 117 2.60 22.93 3.91
N PRO B 118 1.58 22.23 4.44
CA PRO B 118 1.29 20.88 3.98
C PRO B 118 0.40 20.88 2.74
N GLY B 119 0.92 20.32 1.64
CA GLY B 119 0.17 20.21 0.42
C GLY B 119 -0.86 19.10 0.48
N SER B 120 -1.58 18.94 -0.63
CA SER B 120 -2.63 17.92 -0.72
C SER B 120 -2.20 16.52 -0.28
N PRO B 121 -0.97 16.04 -0.56
CA PRO B 121 -0.62 14.71 -0.06
C PRO B 121 -0.52 14.64 1.44
N LEU B 122 -0.07 15.71 2.10
CA LEU B 122 0.02 15.69 3.55
C LEU B 122 -1.32 15.98 4.23
N ILE B 123 -2.20 16.78 3.60
CA ILE B 123 -3.59 16.86 4.07
C ILE B 123 -4.18 15.46 4.15
N ALA B 124 -3.96 14.67 3.09
CA ALA B 124 -4.47 13.31 3.08
C ALA B 124 -3.70 12.39 4.04
N ARG B 125 -2.37 12.51 4.10
CA ARG B 125 -1.61 11.65 5.02
C ARG B 125 -2.11 11.79 6.46
N GLN B 126 -2.40 13.01 6.89
CA GLN B 126 -2.76 13.23 8.28
C GLN B 126 -4.24 12.93 8.55
N LEU B 127 -5.12 13.21 7.60
CA LEU B 127 -6.55 13.00 7.84
C LEU B 127 -6.97 11.55 7.60
N LEU B 128 -6.32 10.83 6.68
CA LEU B 128 -6.77 9.46 6.42
C LEU B 128 -6.49 8.56 7.62
N ARG B 129 -7.28 7.50 7.73
CA ARG B 129 -7.20 6.57 8.84
C ARG B 129 -6.16 5.49 8.57
N GLU B 130 -5.87 4.67 9.59
CA GLU B 130 -4.82 3.67 9.47
C GLU B 130 -5.11 2.66 8.37
N GLN B 131 -6.36 2.36 8.09
CA GLN B 131 -6.64 1.36 7.07
C GLN B 131 -7.03 1.95 5.71
N ASP B 132 -6.93 3.27 5.53
CA ASP B 132 -7.14 3.85 4.21
C ASP B 132 -5.85 3.74 3.38
N SER B 133 -5.94 4.12 2.11
N SER B 133 -5.94 4.14 2.12
CA SER B 133 -4.87 3.96 1.15
CA SER B 133 -4.83 3.95 1.18
C SER B 133 -4.63 5.25 0.39
C SER B 133 -4.63 5.22 0.35
N LEU B 134 -3.40 5.41 -0.12
CA LEU B 134 -3.01 6.58 -0.91
C LEU B 134 -2.23 6.16 -2.15
N GLN B 135 -2.51 6.86 -3.25
CA GLN B 135 -1.86 6.66 -4.54
C GLN B 135 -1.49 8.05 -5.05
N LEU B 136 -0.19 8.34 -5.13
CA LEU B 136 0.29 9.70 -5.42
C LEU B 136 1.25 9.67 -6.59
N THR B 137 1.06 10.59 -7.54
CA THR B 137 1.98 10.71 -8.66
C THR B 137 2.46 12.14 -8.78
N GLU B 138 3.72 12.28 -9.14
CA GLU B 138 4.35 13.57 -9.39
C GLU B 138 5.41 13.34 -10.45
N LEU B 139 5.34 14.10 -11.55
CA LEU B 139 6.24 13.94 -12.70
C LEU B 139 7.53 14.71 -12.58
N HIS B 140 7.54 15.83 -11.86
CA HIS B 140 8.74 16.67 -11.85
C HIS B 140 9.88 15.96 -11.13
N PRO B 141 11.07 15.89 -11.74
CA PRO B 141 12.12 15.04 -11.19
C PRO B 141 12.73 15.56 -9.89
N SER B 142 12.58 16.85 -9.56
CA SER B 142 13.04 17.35 -8.27
C SER B 142 11.98 17.23 -7.19
N ASP B 143 10.70 17.35 -7.54
CA ASP B 143 9.68 17.25 -6.50
C ASP B 143 9.27 15.82 -6.19
N TYR B 144 9.43 14.89 -7.13
CA TYR B 144 9.09 13.49 -6.82
C TYR B 144 9.92 12.93 -5.66
N PRO B 145 11.24 13.12 -5.58
CA PRO B 145 11.95 12.61 -4.41
C PRO B 145 11.53 13.25 -3.11
N LEU B 146 11.16 14.54 -3.12
CA LEU B 146 10.66 15.18 -1.92
C LEU B 146 9.34 14.53 -1.49
N LEU B 147 8.48 14.21 -2.46
CA LEU B 147 7.21 13.57 -2.15
C LEU B 147 7.44 12.18 -1.59
N ARG B 148 8.33 11.42 -2.23
CA ARG B 148 8.65 10.08 -1.76
C ARG B 148 9.11 10.10 -0.30
N SER B 149 9.96 11.08 0.06
CA SER B 149 10.47 11.17 1.42
C SER B 149 9.34 11.33 2.43
N GLU B 150 8.24 11.98 2.04
CA GLU B 150 7.14 12.20 2.97
C GLU B 150 6.40 10.91 3.30
N PHE B 151 6.56 9.87 2.49
CA PHE B 151 5.80 8.64 2.69
C PHE B 151 6.70 7.41 2.87
N GLN B 152 8.02 7.61 3.05
CA GLN B 152 8.94 6.48 3.12
C GLN B 152 8.55 5.48 4.19
N LYS B 153 7.96 5.94 5.29
CA LYS B 153 7.57 5.10 6.42
C LYS B 153 6.07 4.84 6.49
N ASP B 154 5.35 5.16 5.42
CA ASP B 154 3.89 5.06 5.42
C ASP B 154 3.50 3.97 4.43
N SER B 155 3.25 2.76 4.94
CA SER B 155 2.95 1.65 4.04
C SER B 155 1.56 1.74 3.45
N ARG B 156 0.74 2.72 3.84
CA ARG B 156 -0.54 2.93 3.16
C ARG B 156 -0.36 3.53 1.78
N ALA B 157 0.80 4.11 1.51
CA ALA B 157 0.98 5.00 0.37
C ALA B 157 1.88 4.39 -0.69
N ARG B 158 1.46 4.54 -1.94
CA ARG B 158 2.35 4.32 -3.07
C ARG B 158 2.58 5.67 -3.76
N VAL B 159 3.83 5.92 -4.13
CA VAL B 159 4.23 7.17 -4.75
C VAL B 159 4.99 6.82 -6.02
N GLU B 160 4.62 7.45 -7.14
CA GLU B 160 5.18 7.09 -8.43
C GLU B 160 5.51 8.33 -9.23
N LYS B 161 6.60 8.26 -9.99
CA LYS B 161 6.96 9.32 -10.93
C LYS B 161 6.38 8.92 -12.28
N ALA B 162 5.19 9.43 -12.57
CA ALA B 162 4.45 9.00 -13.75
C ALA B 162 3.45 10.09 -14.12
N ASP B 163 2.90 9.95 -15.33
CA ASP B 163 1.86 10.85 -15.81
C ASP B 163 0.59 10.67 -14.98
N GLY B 164 0.15 11.74 -14.32
CA GLY B 164 -1.01 11.66 -13.46
C GLY B 164 -2.28 11.27 -14.20
N PHE B 165 -2.42 11.76 -15.44
CA PHE B 165 -3.65 11.46 -16.17
C PHE B 165 -3.76 9.96 -16.47
N GLN B 166 -2.61 9.29 -16.65
CA GLN B 166 -2.62 7.85 -16.88
C GLN B 166 -3.12 7.08 -15.67
N GLN B 167 -2.99 7.65 -14.47
CA GLN B 167 -3.43 6.93 -13.28
C GLN B 167 -4.94 6.85 -13.20
N LEU B 168 -5.67 7.73 -13.90
CA LEU B 168 -7.12 7.64 -13.96
C LEU B 168 -7.57 6.42 -14.73
N LYS B 169 -6.67 5.85 -15.53
CA LYS B 169 -6.94 4.55 -16.14
C LYS B 169 -6.34 3.40 -15.35
N ALA B 170 -5.08 3.53 -14.92
CA ALA B 170 -4.36 2.40 -14.34
C ALA B 170 -4.72 2.08 -12.91
N LYS B 171 -5.25 3.05 -12.16
CA LYS B 171 -5.39 2.90 -10.72
C LYS B 171 -6.84 2.91 -10.26
N LEU B 172 -7.81 2.95 -11.19
CA LEU B 172 -9.23 2.91 -10.86
C LEU B 172 -9.89 1.73 -11.55
N PRO B 173 -10.87 1.08 -10.92
CA PRO B 173 -11.38 1.40 -9.59
C PRO B 173 -10.46 0.92 -8.47
N PRO B 174 -10.56 1.54 -7.30
CA PRO B 174 -9.73 1.09 -6.17
C PRO B 174 -10.25 -0.22 -5.63
N VAL B 175 -9.33 -1.03 -5.07
CA VAL B 175 -9.74 -2.32 -4.51
C VAL B 175 -10.76 -2.11 -3.39
N SER B 176 -10.73 -0.96 -2.73
CA SER B 176 -11.68 -0.70 -1.64
C SER B 176 -13.04 -0.23 -2.12
N ARG B 177 -13.16 0.09 -3.41
CA ARG B 177 -14.40 0.55 -4.04
C ARG B 177 -14.92 1.87 -3.46
N ARG B 178 -14.04 2.64 -2.82
CA ARG B 178 -14.38 3.95 -2.29
C ARG B 178 -13.19 4.86 -2.55
N GLY B 179 -13.44 6.13 -2.86
CA GLY B 179 -12.28 6.99 -3.12
C GLY B 179 -12.59 8.46 -3.34
N LEU B 180 -11.57 9.27 -3.05
CA LEU B 180 -11.47 10.67 -3.47
C LEU B 180 -10.30 10.77 -4.44
N ILE B 181 -10.57 11.32 -5.61
CA ILE B 181 -9.58 11.49 -6.66
C ILE B 181 -9.41 12.99 -6.85
N LEU B 182 -8.24 13.51 -6.49
CA LEU B 182 -7.91 14.92 -6.71
C LEU B 182 -7.13 15.04 -8.00
N ILE B 183 -7.59 15.91 -8.89
CA ILE B 183 -6.96 16.16 -10.18
C ILE B 183 -6.60 17.63 -10.15
N ASP B 184 -5.30 17.93 -10.04
CA ASP B 184 -4.85 19.29 -9.67
C ASP B 184 -3.65 19.70 -10.51
N PRO B 185 -3.80 19.74 -11.84
CA PRO B 185 -2.66 20.05 -12.71
C PRO B 185 -2.30 21.53 -12.65
N PRO B 186 -1.13 21.91 -13.17
CA PRO B 186 -0.75 23.34 -13.17
C PRO B 186 -1.27 24.12 -14.36
N TYR B 187 -1.73 23.47 -15.42
CA TYR B 187 -2.16 24.14 -16.66
C TYR B 187 -1.03 24.98 -17.25
N GLU B 188 0.21 24.54 -17.02
CA GLU B 188 1.34 25.08 -17.76
C GLU B 188 1.16 24.79 -19.25
N MET B 189 0.79 23.57 -19.58
CA MET B 189 0.40 23.19 -20.93
C MET B 189 -1.10 23.44 -21.08
N LYS B 190 -1.50 24.14 -22.13
CA LYS B 190 -2.93 24.37 -22.28
C LYS B 190 -3.69 23.10 -22.66
N THR B 191 -2.99 22.03 -23.08
CA THR B 191 -3.66 20.74 -23.26
C THR B 191 -4.27 20.23 -21.95
N ASP B 192 -3.82 20.74 -20.80
CA ASP B 192 -4.42 20.35 -19.54
C ASP B 192 -5.93 20.60 -19.53
N TYR B 193 -6.37 21.69 -20.18
CA TYR B 193 -7.80 22.03 -20.16
C TYR B 193 -8.65 21.00 -20.89
N GLN B 194 -8.07 20.23 -21.79
CA GLN B 194 -8.76 19.10 -22.39
C GLN B 194 -8.46 17.81 -21.65
N ALA B 195 -7.21 17.63 -21.22
CA ALA B 195 -6.82 16.38 -20.57
C ALA B 195 -7.57 16.11 -19.28
N VAL B 196 -7.91 17.16 -18.51
CA VAL B 196 -8.65 16.92 -17.28
C VAL B 196 -10.02 16.34 -17.58
N VAL B 197 -10.64 16.77 -18.68
CA VAL B 197 -11.97 16.30 -19.02
C VAL B 197 -11.91 14.86 -19.51
N SER B 198 -10.99 14.57 -20.44
CA SER B 198 -10.87 13.19 -20.90
C SER B 198 -10.40 12.26 -19.79
N GLY B 199 -9.56 12.76 -18.88
CA GLY B 199 -9.14 11.95 -17.75
C GLY B 199 -10.29 11.63 -16.81
N ILE B 200 -11.11 12.63 -16.50
CA ILE B 200 -12.29 12.40 -15.66
C ILE B 200 -13.19 11.37 -16.34
N ALA B 201 -13.39 11.50 -17.64
CA ALA B 201 -14.26 10.56 -18.34
C ALA B 201 -13.72 9.13 -18.25
N GLU B 202 -12.39 8.98 -18.35
CA GLU B 202 -11.80 7.64 -18.25
C GLU B 202 -11.91 7.10 -16.83
N GLY B 203 -11.58 7.93 -15.83
CA GLY B 203 -11.70 7.47 -14.45
C GLY B 203 -13.13 7.14 -14.09
N TYR B 204 -14.06 8.05 -14.41
CA TYR B 204 -15.46 7.84 -14.09
C TYR B 204 -16.03 6.61 -14.78
N LYS B 205 -15.65 6.39 -16.03
CA LYS B 205 -16.04 5.16 -16.71
C LYS B 205 -15.64 3.92 -15.89
N ARG B 206 -14.46 3.96 -15.25
CA ARG B 206 -13.99 2.83 -14.46
C ARG B 206 -14.51 2.82 -13.03
N PHE B 207 -14.89 3.99 -12.50
CA PHE B 207 -15.23 4.11 -11.07
C PHE B 207 -16.27 5.23 -10.93
N ALA B 208 -17.51 4.90 -11.28
CA ALA B 208 -18.54 5.93 -11.41
C ALA B 208 -19.07 6.44 -10.07
N THR B 209 -18.74 5.78 -8.97
CA THR B 209 -19.21 6.18 -7.65
C THR B 209 -18.18 6.98 -6.88
N GLY B 210 -16.96 7.10 -7.40
CA GLY B 210 -15.95 7.88 -6.71
C GLY B 210 -16.27 9.36 -6.70
N THR B 211 -15.64 10.07 -5.76
CA THR B 211 -15.73 11.53 -5.73
C THR B 211 -14.49 12.09 -6.43
N TYR B 212 -14.71 12.89 -7.46
CA TYR B 212 -13.61 13.49 -8.22
C TYR B 212 -13.60 14.99 -7.94
N ALA B 213 -12.45 15.50 -7.53
CA ALA B 213 -12.31 16.93 -7.25
C ALA B 213 -11.28 17.48 -8.23
N LEU B 214 -11.73 18.35 -9.13
CA LEU B 214 -10.88 18.97 -10.15
C LEU B 214 -10.63 20.43 -9.78
N TRP B 215 -9.35 20.79 -9.59
CA TRP B 215 -9.00 22.19 -9.36
C TRP B 215 -8.71 22.88 -10.69
N TYR B 216 -9.15 24.14 -10.81
CA TYR B 216 -8.89 24.88 -12.04
C TYR B 216 -8.58 26.32 -11.71
N PRO B 217 -7.70 26.97 -12.51
CA PRO B 217 -7.50 28.42 -12.36
C PRO B 217 -8.36 29.20 -13.34
N VAL B 218 -8.73 30.42 -12.99
CA VAL B 218 -9.37 31.34 -13.94
C VAL B 218 -8.28 32.32 -14.38
N VAL B 219 -7.70 32.06 -15.55
CA VAL B 219 -6.81 33.02 -16.21
C VAL B 219 -7.61 33.69 -17.33
N LEU B 220 -8.11 32.90 -18.27
CA LEU B 220 -9.07 33.34 -19.27
C LEU B 220 -10.40 32.63 -19.03
N ARG B 221 -11.44 33.40 -18.72
CA ARG B 221 -12.74 32.80 -18.40
C ARG B 221 -13.26 31.91 -19.53
N GLN B 222 -12.99 32.26 -20.79
CA GLN B 222 -13.45 31.42 -21.89
C GLN B 222 -12.89 30.01 -21.82
N GLN B 223 -11.65 29.85 -21.36
CA GLN B 223 -11.08 28.51 -21.22
C GLN B 223 -11.86 27.67 -20.21
N ILE B 224 -12.34 28.30 -19.14
CA ILE B 224 -13.11 27.56 -18.15
C ILE B 224 -14.52 27.27 -18.67
N LYS B 225 -15.12 28.21 -19.38
CA LYS B 225 -16.41 27.96 -20.01
C LYS B 225 -16.32 26.78 -20.97
N ARG B 226 -15.28 26.74 -21.78
CA ARG B 226 -15.10 25.62 -22.71
C ARG B 226 -14.85 24.32 -21.98
N MET B 227 -14.04 24.36 -20.91
CA MET B 227 -13.77 23.16 -20.13
C MET B 227 -15.04 22.59 -19.52
N ILE B 228 -15.87 23.46 -18.94
CA ILE B 228 -17.12 23.02 -18.32
C ILE B 228 -18.09 22.50 -19.37
N HIS B 229 -18.09 23.11 -20.57
CA HIS B 229 -18.89 22.61 -21.67
C HIS B 229 -18.48 21.19 -22.05
N ASP B 230 -17.18 20.95 -22.20
CA ASP B 230 -16.69 19.61 -22.53
C ASP B 230 -17.02 18.61 -21.43
N LEU B 231 -16.93 19.05 -20.17
CA LEU B 231 -17.24 18.15 -19.06
C LEU B 231 -18.72 17.76 -19.08
N GLU B 232 -19.61 18.72 -19.30
CA GLU B 232 -21.03 18.39 -19.35
C GLU B 232 -21.30 17.37 -20.45
N ALA B 233 -20.60 17.50 -21.58
CA ALA B 233 -20.80 16.64 -22.74
C ALA B 233 -20.42 15.19 -22.49
N THR B 234 -19.72 14.90 -21.38
CA THR B 234 -19.45 13.50 -21.04
C THR B 234 -20.69 12.78 -20.55
N GLY B 235 -21.75 13.52 -20.21
CA GLY B 235 -22.94 12.92 -19.65
C GLY B 235 -22.87 12.65 -18.15
N ILE B 236 -21.76 12.97 -17.49
CA ILE B 236 -21.65 12.73 -16.06
C ILE B 236 -22.58 13.67 -15.29
N ARG B 237 -23.24 13.15 -14.26
CA ARG B 237 -24.15 13.95 -13.46
C ARG B 237 -23.56 14.21 -12.08
N LYS B 238 -24.26 15.05 -11.33
CA LYS B 238 -23.93 15.37 -9.94
C LYS B 238 -22.59 16.09 -9.88
N ILE B 239 -22.52 17.28 -10.50
CA ILE B 239 -21.27 18.04 -10.66
C ILE B 239 -21.47 19.38 -9.98
N LEU B 240 -20.74 19.61 -8.89
CA LEU B 240 -20.83 20.84 -8.10
C LEU B 240 -19.63 21.73 -8.42
N GLN B 241 -19.85 23.04 -8.43
CA GLN B 241 -18.79 23.99 -8.75
C GLN B 241 -18.66 25.01 -7.62
N ILE B 242 -17.46 25.11 -7.05
CA ILE B 242 -17.15 26.04 -5.96
C ILE B 242 -16.05 26.96 -6.46
N GLU B 243 -16.31 28.28 -6.50
CA GLU B 243 -15.30 29.19 -7.05
C GLU B 243 -15.03 30.35 -6.09
N LEU B 244 -13.76 30.70 -5.93
CA LEU B 244 -13.38 31.90 -5.18
C LEU B 244 -12.53 32.80 -6.06
N ALA B 245 -13.00 34.03 -6.30
CA ALA B 245 -12.28 35.01 -7.09
C ALA B 245 -11.75 36.09 -6.18
N VAL B 246 -10.47 36.44 -6.36
CA VAL B 246 -9.89 37.56 -5.62
C VAL B 246 -9.91 38.84 -6.44
N LEU B 247 -10.14 38.75 -7.74
CA LEU B 247 -10.24 39.87 -8.67
C LEU B 247 -11.26 39.50 -9.72
N PRO B 248 -11.92 40.48 -10.34
CA PRO B 248 -12.84 40.15 -11.43
C PRO B 248 -12.09 39.57 -12.62
N ASP B 249 -12.84 38.85 -13.46
CA ASP B 249 -12.27 38.25 -14.65
C ASP B 249 -11.52 39.29 -15.47
N SER B 250 -10.37 38.90 -16.00
CA SER B 250 -9.58 39.80 -16.83
C SER B 250 -8.87 39.00 -17.90
N ASP B 251 -8.43 39.71 -18.95
CA ASP B 251 -7.68 39.07 -20.02
C ASP B 251 -6.18 39.30 -19.91
N ARG B 252 -5.70 39.97 -18.85
CA ARG B 252 -4.28 40.33 -18.78
C ARG B 252 -3.78 40.49 -17.35
N ARG B 253 -4.39 39.79 -16.38
CA ARG B 253 -3.94 39.89 -15.00
C ARG B 253 -3.51 38.54 -14.42
N GLY B 254 -3.28 37.54 -15.27
CA GLY B 254 -2.93 36.25 -14.70
C GLY B 254 -4.14 35.61 -14.04
N MET B 255 -3.89 34.81 -13.00
CA MET B 255 -4.96 34.07 -12.34
C MET B 255 -5.71 34.98 -11.38
N THR B 256 -6.99 35.22 -11.66
CA THR B 256 -7.83 36.08 -10.83
C THR B 256 -8.75 35.29 -9.92
N ALA B 257 -8.88 33.99 -10.13
CA ALA B 257 -9.76 33.13 -9.35
C ALA B 257 -9.30 31.70 -9.49
N SER B 258 -9.85 30.83 -8.64
CA SER B 258 -9.70 29.40 -8.86
C SER B 258 -10.96 28.73 -8.34
N GLY B 259 -11.14 27.47 -8.74
CA GLY B 259 -12.32 26.75 -8.32
C GLY B 259 -12.08 25.27 -8.13
N MET B 260 -13.08 24.63 -7.52
CA MET B 260 -13.13 23.18 -7.36
C MET B 260 -14.41 22.68 -8.02
N ILE B 261 -14.27 21.77 -8.97
CA ILE B 261 -15.38 21.07 -9.58
C ILE B 261 -15.42 19.68 -8.97
N VAL B 262 -16.53 19.32 -8.33
CA VAL B 262 -16.62 18.09 -7.55
C VAL B 262 -17.72 17.22 -8.12
N ILE B 263 -17.34 16.05 -8.60
CA ILE B 263 -18.26 15.02 -9.10
C ILE B 263 -18.58 14.07 -7.96
N ASN B 264 -19.85 13.74 -7.78
CA ASN B 264 -20.31 12.98 -6.62
C ASN B 264 -19.84 13.61 -5.31
N PRO B 265 -20.15 14.89 -5.06
CA PRO B 265 -19.78 15.47 -3.78
C PRO B 265 -20.49 14.77 -2.64
N PRO B 266 -19.88 14.72 -1.46
CA PRO B 266 -20.64 14.38 -0.25
C PRO B 266 -21.89 15.27 -0.14
N TRP B 267 -22.97 14.68 0.35
CA TRP B 267 -24.24 15.39 0.34
C TRP B 267 -24.19 16.70 1.11
N LYS B 268 -23.31 16.82 2.12
CA LYS B 268 -23.21 18.05 2.91
C LYS B 268 -22.31 19.12 2.29
N LEU B 269 -21.56 18.82 1.23
CA LEU B 269 -20.49 19.72 0.82
C LEU B 269 -21.04 21.08 0.37
N GLU B 270 -22.16 21.09 -0.34
CA GLU B 270 -22.74 22.34 -0.81
C GLU B 270 -23.08 23.26 0.36
N GLN B 271 -23.78 22.73 1.37
CA GLN B 271 -24.12 23.58 2.50
C GLN B 271 -22.89 23.96 3.32
N GLN B 272 -21.91 23.04 3.43
CA GLN B 272 -20.68 23.36 4.13
C GLN B 272 -19.99 24.55 3.48
N MET B 273 -19.91 24.55 2.16
CA MET B 273 -19.18 25.61 1.47
C MET B 273 -19.94 26.92 1.54
N ASN B 274 -21.27 26.88 1.46
CA ASN B 274 -22.04 28.10 1.64
C ASN B 274 -21.89 28.67 3.04
N ASN B 275 -21.68 27.78 4.02
CA ASN B 275 -21.45 28.20 5.40
C ASN B 275 -20.18 29.01 5.53
N VAL B 276 -19.15 28.65 4.77
CA VAL B 276 -17.79 29.13 5.01
C VAL B 276 -17.29 30.09 3.95
N LEU B 277 -17.84 30.06 2.73
CA LEU B 277 -17.26 30.89 1.67
C LEU B 277 -17.35 32.39 1.95
N PRO B 278 -18.44 32.94 2.47
CA PRO B 278 -18.42 34.39 2.77
C PRO B 278 -17.29 34.77 3.72
N TRP B 279 -17.08 33.98 4.78
CA TRP B 279 -15.99 34.25 5.71
C TRP B 279 -14.64 34.11 5.02
N LEU B 280 -14.47 33.03 4.25
CA LEU B 280 -13.20 32.81 3.55
C LEU B 280 -12.89 33.97 2.62
N HIS B 281 -13.88 34.43 1.85
CA HIS B 281 -13.61 35.53 0.93
C HIS B 281 -13.29 36.81 1.68
N SER B 282 -13.95 37.05 2.82
N SER B 282 -13.92 37.04 2.83
CA SER B 282 -13.66 38.26 3.59
CA SER B 282 -13.67 38.27 3.58
C SER B 282 -12.22 38.28 4.08
C SER B 282 -12.27 38.29 4.19
N LYS B 283 -11.73 37.14 4.57
CA LYS B 283 -10.37 37.09 5.11
C LYS B 283 -9.34 37.07 3.99
N LEU B 284 -9.60 36.34 2.92
CA LEU B 284 -8.62 36.26 1.85
C LEU B 284 -8.55 37.54 1.05
N VAL B 285 -9.67 38.26 0.92
CA VAL B 285 -9.75 39.40 0.03
C VAL B 285 -10.28 40.62 0.78
N PRO B 286 -9.46 41.25 1.61
CA PRO B 286 -9.95 42.42 2.38
C PRO B 286 -10.50 43.53 1.51
N ALA B 287 -10.08 43.64 0.25
CA ALA B 287 -10.57 44.67 -0.64
C ALA B 287 -11.99 44.41 -1.12
N GLY B 288 -12.51 43.19 -0.95
CA GLY B 288 -13.85 42.86 -1.40
C GLY B 288 -14.02 42.57 -2.87
N THR B 289 -12.94 42.56 -3.65
CA THR B 289 -13.07 42.30 -5.08
C THR B 289 -13.33 40.83 -5.34
N GLY B 290 -13.81 40.54 -6.54
CA GLY B 290 -14.10 39.16 -6.90
C GLY B 290 -15.39 38.69 -6.26
N HIS B 291 -15.46 37.38 -6.01
CA HIS B 291 -16.71 36.75 -5.62
C HIS B 291 -16.39 35.38 -5.04
N ALA B 292 -17.44 34.71 -4.56
CA ALA B 292 -17.32 33.36 -4.02
C ALA B 292 -18.67 32.70 -4.17
N THR B 293 -18.74 31.62 -4.96
CA THR B 293 -20.01 31.03 -5.33
C THR B 293 -19.97 29.51 -5.21
N VAL B 294 -21.12 28.94 -4.93
CA VAL B 294 -21.36 27.50 -5.01
C VAL B 294 -22.58 27.30 -5.89
N SER B 295 -22.45 26.47 -6.92
CA SER B 295 -23.58 26.19 -7.82
C SER B 295 -23.37 24.83 -8.48
N TRP B 296 -24.47 24.27 -9.00
CA TRP B 296 -24.40 22.98 -9.67
C TRP B 296 -24.18 23.19 -11.17
N ILE B 297 -23.13 22.56 -11.70
CA ILE B 297 -23.00 22.45 -13.14
C ILE B 297 -24.02 21.45 -13.67
N VAL B 298 -24.10 20.27 -13.04
CA VAL B 298 -25.09 19.25 -13.38
C VAL B 298 -25.75 18.76 -12.10
N PRO B 299 -27.05 18.98 -11.90
CA PRO B 299 -27.72 18.46 -10.70
C PRO B 299 -27.75 16.94 -10.62
N GLU B 300 -28.32 16.42 -9.54
CA GLU B 300 -28.40 14.98 -9.32
C GLU B 300 -29.28 14.30 -10.37
#